data_4UNP
#
_entry.id   4UNP
#
_cell.length_a   65.140
_cell.length_b   65.140
_cell.length_c   134.818
_cell.angle_alpha   90.00
_cell.angle_beta   90.00
_cell.angle_gamma   120.00
#
_symmetry.space_group_name_H-M   'P 32 2 1'
#
loop_
_entity.id
_entity.type
_entity.pdbx_description
1 polymer 'THYMIDYLATE KINASE'
2 non-polymer 5-methyl-7-propyl-1,6-naphthyridin-2(1H)-one
3 water water
#
_entity_poly.entity_id   1
_entity_poly.type   'polypeptide(L)'
_entity_poly.pdbx_seq_one_letter_code
;MLIAIEGVDGAGKRTLVEKLSGAFRAAGRSVATLAFPRYGQSVAADIAAEALHGEHGDLASSVYAMATLFALDRAGAVHT
IQGLCRGYDVVILDRYVASNAAYSAARLHENAAGKAAAWVQRIEFARLGLPKPDWQVLLAVSAELAGERSRGRAQRDPGR
ARDNYERDAELQQRTGAVYAELAAQGWGGRWLVVGADVDPGRLAATLAPP
;
_entity_poly.pdbx_strand_id   A
#
loop_
_chem_comp.id
_chem_comp.type
_chem_comp.name
_chem_comp.formula
TXW non-polymer 5-methyl-7-propyl-1,6-naphthyridin-2(1H)-one 'C12 H14 N2 O'
#
# COMPACT_ATOMS: atom_id res chain seq x y z
N MET A 1 5.50 -2.70 14.90
CA MET A 1 5.51 -1.43 14.08
C MET A 1 5.30 -1.73 12.59
N LEU A 2 4.14 -1.30 12.06
CA LEU A 2 3.73 -1.58 10.69
C LEU A 2 3.73 -0.33 9.83
N ILE A 3 4.58 -0.35 8.81
CA ILE A 3 4.80 0.79 7.92
C ILE A 3 4.40 0.40 6.51
N ALA A 4 3.49 1.17 5.89
CA ALA A 4 3.12 0.94 4.52
C ALA A 4 3.77 1.98 3.66
N ILE A 5 4.50 1.57 2.63
CA ILE A 5 5.06 2.56 1.70
C ILE A 5 4.16 2.65 0.48
N GLU A 6 3.67 3.86 0.21
CA GLU A 6 2.69 4.07 -0.82
C GLU A 6 3.19 5.06 -1.80
N GLY A 7 2.58 5.02 -2.97
CA GLY A 7 2.98 5.87 -4.03
C GLY A 7 2.84 5.27 -5.40
N VAL A 8 3.03 6.14 -6.36
CA VAL A 8 2.77 5.89 -7.77
C VAL A 8 4.04 5.38 -8.49
N ASP A 9 5.22 5.66 -7.94
CA ASP A 9 6.54 5.30 -8.53
C ASP A 9 7.19 3.99 -7.98
N GLY A 10 6.97 2.87 -8.68
CA GLY A 10 7.31 1.54 -8.18
C GLY A 10 8.78 1.31 -7.95
N ALA A 11 9.60 1.80 -8.88
CA ALA A 11 11.05 1.68 -8.76
C ALA A 11 11.55 2.51 -7.55
N GLY A 12 10.95 3.70 -7.39
CA GLY A 12 11.17 4.62 -6.29
C GLY A 12 10.79 4.03 -4.96
N LYS A 13 9.60 3.46 -4.85
CA LYS A 13 9.19 2.81 -3.58
C LYS A 13 10.11 1.67 -3.18
N ARG A 14 10.49 0.87 -4.13
CA ARG A 14 11.31 -0.30 -3.83
C ARG A 14 12.62 0.11 -3.26
N THR A 15 13.26 1.07 -3.90
CA THR A 15 14.51 1.61 -3.43
C THR A 15 14.30 2.17 -2.02
N LEU A 16 13.21 2.90 -1.81
CA LEU A 16 12.96 3.44 -0.50
C LEU A 16 12.80 2.32 0.53
N VAL A 17 12.09 1.26 0.20
CA VAL A 17 11.85 0.18 1.13
C VAL A 17 13.17 -0.42 1.56
N GLU A 18 14.06 -0.55 0.61
CA GLU A 18 15.29 -1.22 0.90
C GLU A 18 16.24 -0.38 1.76
N LYS A 19 16.27 0.91 1.48
CA LYS A 19 17.11 1.80 2.25
C LYS A 19 16.58 2.06 3.66
N LEU A 20 15.27 2.11 3.78
CA LEU A 20 14.62 2.18 5.09
C LEU A 20 14.92 0.92 5.88
N SER A 21 14.82 -0.22 5.24
CA SER A 21 15.17 -1.47 5.92
C SER A 21 16.59 -1.41 6.45
N GLY A 22 17.50 -0.92 5.63
CA GLY A 22 18.90 -0.75 6.03
C GLY A 22 19.13 0.20 7.18
N ALA A 23 18.42 1.34 7.20
CA ALA A 23 18.43 2.28 8.31
C ALA A 23 18.00 1.58 9.59
N PHE A 24 16.87 0.88 9.55
CA PHE A 24 16.40 0.23 10.78
C PHE A 24 17.36 -0.82 11.24
N ARG A 25 17.96 -1.54 10.31
CA ARG A 25 18.91 -2.57 10.68
C ARG A 25 20.22 -2.04 11.18
N ALA A 26 20.62 -0.86 10.70
CA ALA A 26 21.79 -0.16 11.23
C ALA A 26 21.55 0.20 12.70
N ALA A 27 20.29 0.50 13.04
CA ALA A 27 19.90 0.80 14.43
C ALA A 27 19.78 -0.46 15.28
N GLY A 28 20.02 -1.62 14.68
CA GLY A 28 19.90 -2.90 15.40
C GLY A 28 18.49 -3.50 15.42
N ARG A 29 17.58 -2.98 14.60
CA ARG A 29 16.23 -3.52 14.55
C ARG A 29 16.14 -4.71 13.55
N SER A 30 15.22 -5.63 13.81
CA SER A 30 14.94 -6.65 12.83
C SER A 30 13.79 -6.14 11.93
N VAL A 31 13.94 -6.30 10.61
CA VAL A 31 12.96 -5.80 9.65
C VAL A 31 12.54 -6.96 8.77
N ALA A 32 11.23 -7.11 8.52
CA ALA A 32 10.69 -7.97 7.42
C ALA A 32 9.95 -7.08 6.43
N THR A 33 10.02 -7.42 5.15
CA THR A 33 9.35 -6.68 4.09
C THR A 33 8.42 -7.59 3.32
N LEU A 34 7.32 -7.01 2.84
CA LEU A 34 6.34 -7.74 2.08
C LEU A 34 5.73 -6.80 1.04
N ALA A 35 5.66 -7.22 -0.21
CA ALA A 35 5.09 -6.39 -1.30
C ALA A 35 3.75 -6.92 -1.75
N PHE A 36 2.81 -6.01 -1.92
CA PHE A 36 1.49 -6.26 -2.42
C PHE A 36 1.27 -5.55 -3.74
N PRO A 37 0.48 -6.17 -4.63
CA PRO A 37 -0.05 -7.53 -4.58
C PRO A 37 1.03 -8.60 -4.62
N ARG A 38 0.73 -9.80 -4.14
CA ARG A 38 1.74 -10.82 -4.09
C ARG A 38 1.66 -11.63 -5.37
N TYR A 39 1.98 -10.98 -6.47
CA TYR A 39 2.02 -11.65 -7.75
C TYR A 39 2.95 -12.84 -7.66
N GLY A 40 2.52 -13.94 -8.28
CA GLY A 40 3.25 -15.21 -8.24
C GLY A 40 3.01 -16.05 -6.97
N GLN A 41 2.40 -15.50 -5.92
CA GLN A 41 2.04 -16.28 -4.72
C GLN A 41 0.55 -16.31 -4.48
N SER A 42 -0.18 -15.34 -5.02
CA SER A 42 -1.56 -15.28 -4.79
C SER A 42 -2.24 -15.37 -6.12
N VAL A 43 -3.09 -16.37 -6.25
CA VAL A 43 -3.77 -16.57 -7.51
C VAL A 43 -4.79 -15.44 -7.71
N ALA A 44 -5.32 -14.85 -6.65
CA ALA A 44 -6.23 -13.70 -6.82
C ALA A 44 -5.55 -12.48 -7.46
N ALA A 45 -4.37 -12.11 -6.95
CA ALA A 45 -3.53 -11.02 -7.52
C ALA A 45 -3.22 -11.30 -9.00
N ASP A 46 -2.70 -12.50 -9.26
CA ASP A 46 -2.39 -12.86 -10.62
C ASP A 46 -3.59 -12.76 -11.54
N ILE A 47 -4.74 -13.30 -11.13
CA ILE A 47 -5.92 -13.19 -11.98
C ILE A 47 -6.27 -11.72 -12.24
N ALA A 48 -6.16 -10.89 -11.23
CA ALA A 48 -6.51 -9.49 -11.34
C ALA A 48 -5.61 -8.82 -12.39
N ALA A 49 -4.31 -9.11 -12.34
CA ALA A 49 -3.37 -8.47 -13.23
C ALA A 49 -3.60 -8.99 -14.65
N GLU A 50 -3.78 -10.31 -14.79
CA GLU A 50 -4.10 -10.91 -16.09
C GLU A 50 -5.35 -10.31 -16.68
N ALA A 51 -6.41 -10.22 -15.89
CA ALA A 51 -7.65 -9.58 -16.36
C ALA A 51 -7.45 -8.18 -16.85
N LEU A 52 -6.64 -7.42 -16.14
CA LEU A 52 -6.40 -6.05 -16.52
C LEU A 52 -5.79 -5.96 -17.92
N HIS A 53 -5.01 -6.99 -18.27
CA HIS A 53 -4.43 -7.11 -19.59
C HIS A 53 -5.24 -7.88 -20.62
N GLY A 54 -6.54 -8.03 -20.39
CA GLY A 54 -7.42 -8.58 -21.43
C GLY A 54 -7.87 -10.02 -21.27
N GLU A 55 -7.37 -10.72 -20.26
CA GLU A 55 -7.77 -12.10 -19.96
C GLU A 55 -9.05 -12.15 -19.11
N HIS A 56 -9.62 -13.33 -19.01
CA HIS A 56 -10.72 -13.63 -18.12
C HIS A 56 -11.94 -12.82 -18.49
N GLY A 57 -12.31 -12.87 -19.77
CA GLY A 57 -13.57 -12.31 -20.24
C GLY A 57 -13.72 -10.83 -19.93
N ASP A 58 -14.84 -10.47 -19.32
CA ASP A 58 -15.19 -9.09 -19.04
C ASP A 58 -14.81 -8.70 -17.60
N LEU A 59 -13.95 -9.46 -16.92
CA LEU A 59 -13.63 -9.17 -15.53
C LEU A 59 -13.13 -7.73 -15.35
N ALA A 60 -12.26 -7.26 -16.22
CA ALA A 60 -11.68 -5.93 -16.05
C ALA A 60 -12.62 -4.81 -16.48
N SER A 61 -13.82 -5.18 -16.93
CA SER A 61 -14.89 -4.20 -17.14
C SER A 61 -15.35 -3.59 -15.81
N SER A 62 -15.03 -4.25 -14.68
CA SER A 62 -15.43 -3.78 -13.36
C SER A 62 -14.23 -3.45 -12.47
N VAL A 63 -14.14 -2.19 -12.04
CA VAL A 63 -13.03 -1.76 -11.22
C VAL A 63 -13.16 -2.40 -9.84
N TYR A 64 -14.37 -2.52 -9.34
CA TYR A 64 -14.64 -3.16 -8.05
C TYR A 64 -14.24 -4.66 -8.03
N ALA A 65 -14.46 -5.35 -9.14
CA ALA A 65 -14.07 -6.76 -9.26
C ALA A 65 -12.59 -6.92 -9.03
N MET A 66 -11.80 -6.08 -9.68
CA MET A 66 -10.34 -6.11 -9.49
C MET A 66 -9.85 -5.63 -8.16
N ALA A 67 -10.43 -4.56 -7.61
CA ALA A 67 -10.12 -4.18 -6.24
C ALA A 67 -10.43 -5.32 -5.30
N THR A 68 -11.52 -6.05 -5.55
CA THR A 68 -11.93 -7.11 -4.66
C THR A 68 -10.89 -8.21 -4.66
N LEU A 69 -10.37 -8.55 -5.83
CA LEU A 69 -9.34 -9.57 -5.92
C LEU A 69 -8.02 -9.17 -5.21
N PHE A 70 -7.63 -7.90 -5.32
CA PHE A 70 -6.47 -7.43 -4.56
C PHE A 70 -6.73 -7.41 -3.08
N ALA A 71 -7.95 -7.04 -2.71
CA ALA A 71 -8.37 -7.17 -1.30
C ALA A 71 -8.34 -8.65 -0.78
N LEU A 72 -8.67 -9.63 -1.61
CA LEU A 72 -8.66 -11.04 -1.15
C LEU A 72 -7.25 -11.59 -0.97
N ASP A 73 -6.37 -11.15 -1.83
CA ASP A 73 -4.94 -11.39 -1.67
C ASP A 73 -4.49 -10.93 -0.31
N ARG A 74 -4.71 -9.65 -0.02
CA ARG A 74 -4.36 -9.15 1.31
C ARG A 74 -5.06 -9.88 2.43
N ALA A 75 -6.32 -10.23 2.26
CA ALA A 75 -7.05 -11.00 3.30
C ALA A 75 -6.36 -12.33 3.58
N GLY A 76 -5.78 -12.94 2.54
CA GLY A 76 -5.04 -14.21 2.71
C GLY A 76 -3.70 -14.03 3.41
N ALA A 77 -3.28 -12.78 3.65
CA ALA A 77 -2.04 -12.46 4.32
C ALA A 77 -2.24 -11.93 5.73
N VAL A 78 -3.48 -11.82 6.21
CA VAL A 78 -3.68 -11.27 7.55
C VAL A 78 -2.82 -12.01 8.61
N HIS A 79 -2.83 -13.34 8.54
N HIS A 79 -2.80 -13.33 8.54
CA HIS A 79 -2.08 -14.20 9.45
CA HIS A 79 -2.06 -14.14 9.52
C HIS A 79 -0.57 -14.03 9.29
C HIS A 79 -0.54 -14.13 9.30
N THR A 80 -0.10 -14.00 8.05
CA THR A 80 1.32 -13.80 7.76
C THR A 80 1.79 -12.45 8.33
N ILE A 81 0.98 -11.42 8.17
CA ILE A 81 1.34 -10.09 8.65
C ILE A 81 1.42 -10.08 10.16
N GLN A 82 0.50 -10.78 10.83
CA GLN A 82 0.51 -10.80 12.29
C GLN A 82 1.74 -11.55 12.80
N GLY A 83 2.07 -12.64 12.14
CA GLY A 83 3.29 -13.38 12.44
C GLY A 83 4.55 -12.58 12.26
N LEU A 84 4.60 -11.75 11.23
CA LEU A 84 5.76 -10.90 10.97
C LEU A 84 5.92 -9.87 12.08
N CYS A 85 4.81 -9.30 12.55
CA CYS A 85 4.81 -8.32 13.65
C CYS A 85 5.24 -8.91 14.99
N ARG A 86 4.84 -10.13 15.26
CA ARG A 86 5.38 -10.86 16.40
C ARG A 86 6.85 -11.15 16.20
N GLY A 87 7.25 -11.67 15.04
CA GLY A 87 8.65 -12.07 14.84
C GLY A 87 9.70 -10.97 14.64
N TYR A 88 9.25 -9.74 14.32
CA TYR A 88 10.14 -8.66 13.91
C TYR A 88 9.79 -7.33 14.55
N ASP A 89 10.77 -6.46 14.61
CA ASP A 89 10.57 -5.17 15.24
C ASP A 89 9.83 -4.30 14.26
N VAL A 90 10.21 -4.34 12.97
CA VAL A 90 9.61 -3.47 11.94
C VAL A 90 9.14 -4.30 10.76
N VAL A 91 7.90 -4.10 10.37
CA VAL A 91 7.35 -4.72 9.16
C VAL A 91 7.01 -3.61 8.16
N ILE A 92 7.69 -3.66 7.03
CA ILE A 92 7.50 -2.68 5.96
C ILE A 92 6.74 -3.32 4.79
N LEU A 93 5.62 -2.71 4.41
CA LEU A 93 4.80 -3.19 3.33
C LEU A 93 4.97 -2.25 2.16
N ASP A 94 5.38 -2.80 1.03
CA ASP A 94 5.47 -2.07 -0.22
C ASP A 94 4.08 -2.14 -0.90
N ARG A 95 3.32 -1.05 -0.75
CA ARG A 95 1.92 -0.93 -1.10
C ARG A 95 1.04 -1.76 -0.22
N TYR A 96 -0.12 -1.21 0.10
CA TYR A 96 -1.03 -1.80 1.03
C TYR A 96 -2.44 -1.29 0.68
N VAL A 97 -3.33 -1.23 1.65
CA VAL A 97 -4.72 -0.95 1.35
C VAL A 97 -4.95 0.40 0.65
N ALA A 98 -4.20 1.45 1.02
CA ALA A 98 -4.41 2.79 0.44
C ALA A 98 -4.24 2.76 -1.06
N SER A 99 -3.39 1.86 -1.53
N SER A 99 -3.40 1.88 -1.59
CA SER A 99 -3.13 1.68 -2.95
CA SER A 99 -3.21 1.86 -3.03
C SER A 99 -4.40 1.31 -3.71
C SER A 99 -4.41 1.28 -3.76
N ASN A 100 -5.18 0.41 -3.10
CA ASN A 100 -6.39 -0.08 -3.69
C ASN A 100 -7.39 1.06 -3.76
N ALA A 101 -7.44 1.91 -2.73
CA ALA A 101 -8.29 3.09 -2.74
C ALA A 101 -7.88 4.08 -3.82
N ALA A 102 -6.60 4.34 -3.94
CA ALA A 102 -6.11 5.40 -4.83
C ALA A 102 -6.25 5.01 -6.28
N TYR A 103 -5.83 3.80 -6.63
CA TYR A 103 -5.91 3.34 -8.02
C TYR A 103 -7.35 3.14 -8.45
N SER A 104 -8.18 2.60 -7.57
CA SER A 104 -9.57 2.40 -7.92
C SER A 104 -10.31 3.71 -8.13
N ALA A 105 -10.10 4.66 -7.22
CA ALA A 105 -10.73 5.96 -7.31
C ALA A 105 -10.30 6.59 -8.60
N ALA A 106 -9.00 6.53 -8.88
CA ALA A 106 -8.46 7.08 -10.13
C ALA A 106 -9.06 6.44 -11.39
N ARG A 107 -9.24 5.12 -11.40
CA ARG A 107 -9.83 4.46 -12.57
C ARG A 107 -11.28 4.84 -12.73
N LEU A 108 -11.95 5.12 -11.63
CA LEU A 108 -13.36 5.51 -11.67
C LEU A 108 -13.53 7.02 -11.90
N HIS A 109 -12.42 7.74 -12.03
CA HIS A 109 -12.45 9.21 -12.04
C HIS A 109 -13.13 9.83 -10.83
N GLU A 110 -12.90 9.21 -9.67
CA GLU A 110 -13.39 9.70 -8.42
C GLU A 110 -12.23 10.31 -7.66
N ASN A 111 -12.56 11.02 -6.59
CA ASN A 111 -11.56 11.44 -5.65
C ASN A 111 -11.70 10.73 -4.29
N ALA A 112 -10.83 11.11 -3.37
CA ALA A 112 -10.66 10.44 -2.06
C ALA A 112 -11.92 10.40 -1.22
N ALA A 113 -12.86 11.32 -1.50
CA ALA A 113 -14.03 11.49 -0.67
C ALA A 113 -15.17 10.69 -1.25
N GLY A 114 -14.91 10.02 -2.37
CA GLY A 114 -15.95 9.28 -3.10
C GLY A 114 -16.24 7.85 -2.64
N LYS A 115 -17.10 7.18 -3.42
CA LYS A 115 -17.68 5.88 -3.05
C LYS A 115 -16.61 4.79 -2.94
N ALA A 116 -15.79 4.66 -3.96
CA ALA A 116 -14.77 3.62 -4.03
C ALA A 116 -13.79 3.61 -2.81
N ALA A 117 -13.17 4.74 -2.50
CA ALA A 117 -12.29 4.82 -1.35
C ALA A 117 -12.98 4.42 -0.06
N ALA A 118 -14.20 4.89 0.14
CA ALA A 118 -14.96 4.58 1.35
C ALA A 118 -15.23 3.08 1.40
N TRP A 119 -15.56 2.51 0.25
CA TRP A 119 -15.81 1.07 0.15
C TRP A 119 -14.55 0.28 0.45
N VAL A 120 -13.39 0.75 -0.01
CA VAL A 120 -12.13 -0.01 0.22
C VAL A 120 -11.87 -0.03 1.71
N GLN A 121 -12.11 1.12 2.36
CA GLN A 121 -11.88 1.24 3.78
C GLN A 121 -12.77 0.29 4.62
N ARG A 122 -14.04 0.15 4.26
CA ARG A 122 -14.95 -0.78 4.96
C ARG A 122 -14.56 -2.22 4.65
N ILE A 123 -14.35 -2.52 3.39
CA ILE A 123 -14.11 -3.90 3.04
C ILE A 123 -12.77 -4.44 3.60
N GLU A 124 -11.67 -3.70 3.46
CA GLU A 124 -10.40 -4.24 3.85
C GLU A 124 -10.19 -4.11 5.35
N PHE A 125 -10.56 -2.98 5.92
CA PHE A 125 -10.26 -2.75 7.33
C PHE A 125 -11.34 -3.28 8.27
N ALA A 126 -12.60 -3.06 7.97
CA ALA A 126 -13.64 -3.49 8.91
C ALA A 126 -14.00 -4.96 8.67
N ARG A 127 -14.38 -5.28 7.44
CA ARG A 127 -14.80 -6.64 7.12
C ARG A 127 -13.67 -7.67 7.13
N LEU A 128 -12.66 -7.48 6.31
CA LEU A 128 -11.59 -8.46 6.22
C LEU A 128 -10.61 -8.39 7.38
N GLY A 129 -10.64 -7.31 8.15
CA GLY A 129 -9.82 -7.22 9.35
C GLY A 129 -8.32 -7.07 9.12
N LEU A 130 -7.95 -6.39 8.05
CA LEU A 130 -6.56 -6.13 7.81
C LEU A 130 -6.01 -5.15 8.87
N PRO A 131 -4.84 -5.47 9.42
CA PRO A 131 -4.25 -4.59 10.43
C PRO A 131 -3.98 -3.21 9.89
N LYS A 132 -4.33 -2.22 10.69
CA LYS A 132 -4.12 -0.82 10.39
C LYS A 132 -2.64 -0.51 10.57
N PRO A 133 -2.03 0.14 9.57
CA PRO A 133 -0.63 0.48 9.68
C PRO A 133 -0.41 1.60 10.68
N ASP A 134 0.72 1.55 11.38
CA ASP A 134 1.13 2.63 12.27
C ASP A 134 1.48 3.88 11.50
N TRP A 135 2.05 3.72 10.32
CA TRP A 135 2.38 4.79 9.43
C TRP A 135 2.13 4.40 7.99
N GLN A 136 1.53 5.30 7.25
CA GLN A 136 1.50 5.19 5.81
C GLN A 136 2.43 6.30 5.27
N VAL A 137 3.43 5.93 4.46
CA VAL A 137 4.40 6.90 3.94
C VAL A 137 4.17 7.09 2.44
N LEU A 138 3.78 8.29 2.03
CA LEU A 138 3.55 8.58 0.63
C LEU A 138 4.80 9.15 -0.01
N LEU A 139 5.40 8.38 -0.90
CA LEU A 139 6.48 8.85 -1.74
C LEU A 139 5.90 9.63 -2.91
N ALA A 140 5.91 10.96 -2.78
CA ALA A 140 5.29 11.88 -3.76
C ALA A 140 6.11 12.01 -5.05
N VAL A 141 5.44 12.43 -6.14
CA VAL A 141 6.10 13.06 -7.32
C VAL A 141 7.32 13.89 -6.88
N ALA A 169 -0.33 7.21 -17.00
CA ALA A 169 0.34 8.54 -16.79
C ALA A 169 -0.58 9.83 -16.71
N GLU A 170 -1.79 9.81 -17.36
CA GLU A 170 -2.99 10.57 -16.88
C GLU A 170 -3.57 9.79 -15.68
N LEU A 171 -3.64 8.44 -15.79
CA LEU A 171 -4.00 7.59 -14.63
C LEU A 171 -3.04 7.76 -13.42
N GLN A 172 -1.75 7.61 -13.69
CA GLN A 172 -0.67 7.83 -12.75
C GLN A 172 -0.84 9.14 -11.97
N GLN A 173 -1.15 10.21 -12.69
N GLN A 173 -1.16 10.23 -12.65
CA GLN A 173 -1.36 11.55 -12.13
CA GLN A 173 -1.29 11.53 -12.00
C GLN A 173 -2.61 11.64 -11.26
C GLN A 173 -2.63 11.67 -11.25
N ARG A 174 -3.70 11.06 -11.77
CA ARG A 174 -4.97 10.99 -11.03
C ARG A 174 -4.81 10.19 -9.75
N THR A 175 -3.98 9.17 -9.79
CA THR A 175 -3.75 8.32 -8.64
C THR A 175 -2.93 9.02 -7.61
N GLY A 176 -1.91 9.74 -8.09
CA GLY A 176 -1.09 10.61 -7.24
C GLY A 176 -1.94 11.62 -6.47
N ALA A 177 -2.93 12.19 -7.15
CA ALA A 177 -3.82 13.19 -6.55
C ALA A 177 -4.73 12.58 -5.47
N VAL A 178 -5.20 11.35 -5.70
CA VAL A 178 -6.06 10.69 -4.74
C VAL A 178 -5.17 10.34 -3.57
N TYR A 179 -4.04 9.75 -3.85
CA TYR A 179 -3.09 9.47 -2.77
C TYR A 179 -2.88 10.68 -1.86
N ALA A 180 -2.66 11.85 -2.45
CA ALA A 180 -2.32 13.05 -1.69
C ALA A 180 -3.48 13.52 -0.80
N GLU A 181 -4.71 13.40 -1.32
CA GLU A 181 -5.95 13.68 -0.55
C GLU A 181 -6.11 12.68 0.60
N LEU A 182 -5.80 11.41 0.34
CA LEU A 182 -5.88 10.36 1.38
C LEU A 182 -4.88 10.68 2.47
N ALA A 183 -3.66 11.03 2.08
CA ALA A 183 -2.65 11.46 3.05
C ALA A 183 -3.14 12.66 3.86
N ALA A 184 -3.70 13.66 3.18
CA ALA A 184 -4.17 14.87 3.87
C ALA A 184 -5.28 14.57 4.84
N GLN A 185 -6.15 13.61 4.53
CA GLN A 185 -7.26 13.28 5.44
C GLN A 185 -6.90 12.29 6.54
N GLY A 186 -5.65 11.84 6.62
CA GLY A 186 -5.28 10.77 7.55
C GLY A 186 -6.10 9.49 7.39
N TRP A 187 -6.35 9.08 6.14
CA TRP A 187 -7.19 7.90 5.80
C TRP A 187 -6.52 6.65 6.33
N GLY A 188 -7.25 5.93 7.19
CA GLY A 188 -6.79 4.67 7.73
C GLY A 188 -5.71 4.81 8.76
N GLY A 189 -5.41 6.05 9.18
CA GLY A 189 -4.33 6.28 10.14
C GLY A 189 -3.37 7.39 9.75
N ARG A 190 -2.23 7.40 10.40
CA ARG A 190 -1.35 8.54 10.35
C ARG A 190 -0.49 8.44 9.12
N TRP A 191 -0.34 9.55 8.41
CA TRP A 191 0.45 9.59 7.20
C TRP A 191 1.69 10.47 7.29
N LEU A 192 2.61 10.28 6.37
CA LEU A 192 3.80 11.07 6.24
C LEU A 192 4.06 11.13 4.75
N VAL A 193 4.21 12.33 4.22
CA VAL A 193 4.52 12.55 2.80
C VAL A 193 5.98 12.98 2.63
N VAL A 194 6.68 12.35 1.69
CA VAL A 194 8.10 12.58 1.47
C VAL A 194 8.41 12.65 -0.02
N GLY A 195 9.56 13.22 -0.39
CA GLY A 195 9.99 13.30 -1.79
C GLY A 195 11.04 12.24 -2.09
N ALA A 196 11.48 12.13 -3.35
CA ALA A 196 12.55 11.18 -3.71
C ALA A 196 13.90 11.51 -3.04
N ASP A 197 14.07 12.81 -2.74
CA ASP A 197 15.23 13.35 -2.02
C ASP A 197 15.31 12.92 -0.54
N VAL A 198 14.30 12.22 -0.02
CA VAL A 198 14.25 11.93 1.39
C VAL A 198 15.48 11.14 1.81
N ASP A 199 15.97 11.38 3.03
CA ASP A 199 17.11 10.64 3.55
C ASP A 199 16.50 9.54 4.40
N PRO A 200 16.83 8.27 4.12
CA PRO A 200 16.21 7.12 4.78
C PRO A 200 16.44 7.06 6.28
N GLY A 201 17.66 7.36 6.71
CA GLY A 201 17.95 7.38 8.14
C GLY A 201 17.15 8.43 8.85
N ARG A 202 16.91 9.54 8.16
N ARG A 202 16.92 9.54 8.15
CA ARG A 202 16.14 10.64 8.70
CA ARG A 202 16.14 10.64 8.68
C ARG A 202 14.66 10.24 8.81
C ARG A 202 14.67 10.24 8.81
N LEU A 203 14.16 9.58 7.77
CA LEU A 203 12.79 9.09 7.76
C LEU A 203 12.57 8.03 8.82
N ALA A 204 13.51 7.13 8.93
CA ALA A 204 13.46 6.06 9.91
C ALA A 204 13.37 6.61 11.32
N ALA A 205 14.17 7.61 11.58
CA ALA A 205 14.19 8.25 12.87
C ALA A 205 12.85 8.92 13.13
N THR A 206 12.21 9.53 12.12
CA THR A 206 10.86 10.08 12.30
C THR A 206 9.83 9.00 12.55
N LEU A 207 9.97 7.87 11.90
CA LEU A 207 8.98 6.84 12.01
C LEU A 207 9.02 6.08 13.34
N ALA A 208 10.20 5.68 13.76
CA ALA A 208 10.39 4.90 15.01
C ALA A 208 11.50 5.52 15.82
N PRO A 209 11.20 6.63 16.50
CA PRO A 209 12.21 7.32 17.24
C PRO A 209 12.63 6.43 18.41
N PRO A 210 13.92 6.17 18.55
CA PRO A 210 14.50 5.39 19.64
C PRO A 210 14.02 5.83 21.07
C5 TXW B . -6.15 -1.58 -7.91
C7 TXW B . -3.76 -1.69 -7.96
C6 TXW B . -4.97 -1.88 -7.28
C4 TXW B . -6.10 -1.09 -9.20
C13 TXW B . -3.80 -1.20 -9.26
C8 TXW B . -2.55 -2.00 -7.24
C9 TXW B . -2.60 -2.47 -5.98
C10 TXW B . -3.86 -2.67 -5.27
C15 TXW B . -2.56 -1.02 -10.10
C1 TXW B . -6.70 -2.52 -11.50
C3 TXW B . -7.36 -0.72 -9.94
C2 TXW B . -7.86 -1.78 -10.90
N14 TXW B . -4.95 -0.91 -9.86
N12 TXW B . -4.98 -2.34 -5.98
O11 TXW B . -3.95 -3.11 -4.12
#